data_3F2Z
#
_entry.id   3F2Z
#
_cell.length_a   47.893
_cell.length_b   51.684
_cell.length_c   63.960
_cell.angle_alpha   90.00
_cell.angle_beta   90.00
_cell.angle_gamma   90.00
#
_symmetry.space_group_name_H-M   'P 21 21 21'
#
loop_
_entity.id
_entity.type
_entity.pdbx_description
1 polymer 'uncharacterized protein BF3579'
2 water water
#
_entity_poly.entity_id   1
_entity_poly.type   'polypeptide(L)'
_entity_poly.pdbx_seq_one_letter_code
;(MSE)GDKLSKTDWKIVSFTTEEASGEGSNNGHAKHLIDGNIETFWHSRWQGGSDPLPYEIIID(MSE)NHRVKIAQIEL
LPRGRGSNNPIKVVRFEASEDGTNWESIGQFGFTNQDAALKYYVKSSTARYIKLVIPDGVGNGTVAAIRELDVRGTVVNL
EHHHHHH
;
_entity_poly.pdbx_strand_id   A
#
# COMPACT_ATOMS: atom_id res chain seq x y z
N ASP A 3 -12.16 1.29 -13.58
CA ASP A 3 -11.68 2.69 -13.71
C ASP A 3 -10.58 3.05 -12.70
N LYS A 4 -9.65 2.12 -12.50
CA LYS A 4 -8.46 2.40 -11.71
C LYS A 4 -7.64 3.49 -12.41
N LEU A 5 -7.13 4.43 -11.64
CA LEU A 5 -6.36 5.55 -12.18
C LEU A 5 -4.97 5.09 -12.62
N SER A 6 -4.45 5.75 -13.64
CA SER A 6 -3.08 5.50 -14.07
C SER A 6 -2.08 5.83 -12.96
N LYS A 7 -1.13 4.93 -12.76
CA LYS A 7 -0.10 5.07 -11.72
C LYS A 7 1.25 5.54 -12.29
N THR A 8 1.28 5.88 -13.59
CA THR A 8 2.54 6.18 -14.25
C THR A 8 3.34 7.33 -13.60
N ASP A 9 2.63 8.30 -13.00
CA ASP A 9 3.31 9.45 -12.38
C ASP A 9 3.51 9.32 -10.87
N TRP A 10 3.03 8.21 -10.29
CA TRP A 10 3.13 8.00 -8.86
C TRP A 10 4.57 7.70 -8.45
N LYS A 11 4.95 8.21 -7.28
CA LYS A 11 6.26 7.95 -6.70
C LYS A 11 6.14 7.60 -5.23
N ILE A 12 7.02 6.71 -4.78
CA ILE A 12 7.15 6.43 -3.36
C ILE A 12 7.90 7.58 -2.68
N VAL A 13 7.25 8.21 -1.71
CA VAL A 13 7.87 9.28 -0.92
C VAL A 13 8.79 8.69 0.16
N SER A 14 8.27 7.73 0.91
CA SER A 14 9.00 7.14 2.04
C SER A 14 8.30 5.85 2.45
N PHE A 15 9.01 5.04 3.24
CA PHE A 15 8.48 3.77 3.73
C PHE A 15 9.22 3.37 4.99
N THR A 16 8.54 2.64 5.87
CA THR A 16 9.16 2.10 7.08
C THR A 16 10.14 0.99 6.73
N THR A 17 9.68 0.08 5.87
CA THR A 17 10.39 -1.15 5.59
C THR A 17 10.13 -1.63 4.18
N GLU A 18 11.13 -2.28 3.61
CA GLU A 18 10.99 -3.00 2.34
C GLU A 18 12.04 -4.11 2.31
N GLU A 19 11.90 -5.04 1.37
CA GLU A 19 12.94 -6.03 1.14
C GLU A 19 13.71 -5.67 -0.11
N ALA A 20 14.88 -5.06 0.10
CA ALA A 20 15.68 -4.51 -0.98
C ALA A 20 16.66 -5.52 -1.59
N SER A 21 16.89 -6.64 -0.91
CA SER A 21 17.85 -7.64 -1.39
C SER A 21 17.29 -9.05 -1.58
N GLY A 22 16.50 -9.52 -0.60
CA GLY A 22 16.09 -10.92 -0.53
C GLY A 22 15.19 -11.42 -1.65
N GLU A 23 14.51 -10.49 -2.33
CA GLU A 23 13.65 -10.83 -3.47
C GLU A 23 14.32 -10.48 -4.79
N GLY A 24 15.59 -10.10 -4.75
CA GLY A 24 16.30 -9.65 -5.94
C GLY A 24 16.08 -8.18 -6.23
N SER A 25 16.77 -7.66 -7.23
CA SER A 25 16.69 -6.25 -7.59
C SER A 25 15.29 -5.83 -8.02
N ASN A 26 14.57 -6.75 -8.66
CA ASN A 26 13.31 -6.41 -9.32
C ASN A 26 12.06 -6.86 -8.58
N ASN A 27 12.19 -7.08 -7.28
CA ASN A 27 11.04 -7.45 -6.47
C ASN A 27 11.25 -7.04 -5.03
N GLY A 28 10.17 -6.98 -4.26
CA GLY A 28 10.24 -6.75 -2.83
C GLY A 28 10.29 -5.31 -2.35
N HIS A 29 10.61 -4.38 -3.25
CA HIS A 29 10.81 -2.99 -2.86
C HIS A 29 9.48 -2.25 -2.77
N ALA A 30 9.46 -1.14 -2.02
CA ALA A 30 8.26 -0.29 -1.95
C ALA A 30 7.76 0.12 -3.33
N LYS A 31 8.68 0.44 -4.24
CA LYS A 31 8.30 0.85 -5.60
C LYS A 31 7.51 -0.24 -6.34
N HIS A 32 7.66 -1.49 -5.91
CA HIS A 32 6.95 -2.59 -6.56
C HIS A 32 5.48 -2.68 -6.18
N LEU A 33 5.07 -1.84 -5.24
CA LEU A 33 3.66 -1.67 -4.90
C LEU A 33 2.90 -0.91 -6.01
N ILE A 34 3.62 -0.08 -6.76
CA ILE A 34 2.96 0.88 -7.65
C ILE A 34 3.51 0.84 -9.08
N ASP A 35 4.24 -0.21 -9.42
CA ASP A 35 4.85 -0.32 -10.75
C ASP A 35 3.90 -0.84 -11.83
N GLY A 36 2.70 -1.26 -11.43
CA GLY A 36 1.72 -1.79 -12.37
C GLY A 36 2.03 -3.20 -12.83
N ASN A 37 2.98 -3.83 -12.14
CA ASN A 37 3.39 -5.19 -12.46
C ASN A 37 2.80 -6.15 -11.44
N ILE A 38 1.90 -7.01 -11.90
CA ILE A 38 1.23 -7.98 -11.04
C ILE A 38 2.21 -8.99 -10.44
N GLU A 39 3.33 -9.22 -11.14
CA GLU A 39 4.32 -10.20 -10.71
C GLU A 39 5.36 -9.68 -9.73
N THR A 40 5.28 -8.40 -9.37
CA THR A 40 6.15 -7.87 -8.33
C THR A 40 5.31 -7.42 -7.15
N PHE A 41 5.91 -7.46 -5.97
CA PHE A 41 5.24 -6.99 -4.76
C PHE A 41 6.21 -6.25 -3.87
N TRP A 42 5.70 -5.27 -3.13
CA TRP A 42 6.39 -4.80 -1.95
C TRP A 42 6.34 -5.92 -0.92
N HIS A 43 7.47 -6.16 -0.25
CA HIS A 43 7.51 -7.07 0.89
C HIS A 43 8.16 -6.35 2.06
N SER A 44 7.66 -6.57 3.26
CA SER A 44 8.34 -6.09 4.46
C SER A 44 9.72 -6.72 4.53
N ARG A 45 10.66 -6.07 5.20
CA ARG A 45 12.00 -6.63 5.29
C ARG A 45 12.00 -7.98 6.02
N TRP A 46 12.76 -8.94 5.48
CA TRP A 46 13.02 -10.20 6.17
C TRP A 46 14.50 -10.56 6.20
N GLN A 47 15.25 -10.21 5.16
CA GLN A 47 16.67 -10.56 5.09
C GLN A 47 17.49 -9.61 5.96
N GLY A 48 18.26 -10.19 6.87
CA GLY A 48 18.99 -9.42 7.88
C GLY A 48 18.12 -9.05 9.06
N GLY A 49 16.92 -9.64 9.14
CA GLY A 49 16.00 -9.39 10.23
C GLY A 49 14.83 -8.51 9.85
N SER A 50 13.77 -8.60 10.65
CA SER A 50 12.56 -7.82 10.42
C SER A 50 12.68 -6.41 10.97
N ASP A 51 11.74 -5.55 10.60
CA ASP A 51 11.55 -4.25 11.21
C ASP A 51 10.26 -4.29 12.02
N PRO A 52 10.21 -3.56 13.15
CA PRO A 52 9.00 -3.58 13.96
C PRO A 52 7.84 -2.79 13.35
N LEU A 53 6.62 -3.26 13.60
CA LEU A 53 5.42 -2.53 13.27
C LEU A 53 5.35 -1.24 14.08
N PRO A 54 4.59 -0.23 13.63
CA PRO A 54 3.79 -0.19 12.40
C PRO A 54 4.61 0.06 11.14
N TYR A 55 4.05 -0.33 10.00
CA TYR A 55 4.65 -0.03 8.70
C TYR A 55 3.80 1.00 7.98
N GLU A 56 4.45 1.92 7.30
CA GLU A 56 3.73 2.80 6.38
C GLU A 56 4.48 2.92 5.05
N ILE A 57 3.71 3.25 4.01
CA ILE A 57 4.26 3.63 2.71
C ILE A 57 3.50 4.87 2.26
N ILE A 58 4.22 5.94 1.96
CA ILE A 58 3.61 7.17 1.44
C ILE A 58 3.85 7.25 -0.07
N ILE A 59 2.77 7.52 -0.80
CA ILE A 59 2.77 7.65 -2.25
C ILE A 59 2.39 9.09 -2.62
N ASP A 60 3.21 9.71 -3.46
CA ASP A 60 2.88 10.98 -4.11
C ASP A 60 2.31 10.63 -5.48
N ASN A 62 1.18 12.74 -7.64
CA ASN A 62 1.50 13.81 -8.59
C ASN A 62 0.28 14.22 -9.40
N HIS A 63 -0.87 13.97 -8.80
CA HIS A 63 -2.19 14.42 -9.26
C HIS A 63 -3.02 14.62 -8.01
N ARG A 64 -3.97 15.54 -8.07
CA ARG A 64 -4.96 15.72 -7.01
C ARG A 64 -6.16 14.87 -7.38
N VAL A 65 -6.63 14.05 -6.45
CA VAL A 65 -7.64 13.04 -6.75
C VAL A 65 -8.75 13.05 -5.71
N LYS A 66 -10.00 13.08 -6.18
CA LYS A 66 -11.13 12.79 -5.32
C LYS A 66 -11.27 11.27 -5.26
N ILE A 67 -10.89 10.70 -4.13
CA ILE A 67 -10.77 9.25 -3.96
C ILE A 67 -12.12 8.64 -3.62
N ALA A 68 -12.48 7.59 -4.36
CA ALA A 68 -13.69 6.82 -4.09
C ALA A 68 -13.38 5.46 -3.46
N GLN A 69 -12.36 4.76 -3.97
CA GLN A 69 -11.95 3.48 -3.41
C GLN A 69 -10.45 3.30 -3.52
N ILE A 70 -9.90 2.50 -2.61
CA ILE A 70 -8.52 2.03 -2.73
C ILE A 70 -8.55 0.51 -2.79
N GLU A 71 -7.71 -0.06 -3.65
CA GLU A 71 -7.58 -1.51 -3.74
C GLU A 71 -6.19 -1.96 -3.37
N LEU A 72 -6.11 -3.11 -2.70
CA LEU A 72 -4.84 -3.80 -2.50
C LEU A 72 -4.91 -5.19 -3.12
N LEU A 73 -3.89 -5.53 -3.91
CA LEU A 73 -3.81 -6.83 -4.54
C LEU A 73 -2.84 -7.70 -3.74
N PRO A 74 -3.34 -8.69 -2.98
CA PRO A 74 -2.43 -9.46 -2.13
C PRO A 74 -1.47 -10.36 -2.89
N ARG A 75 -0.40 -10.78 -2.21
CA ARG A 75 0.50 -11.78 -2.78
C ARG A 75 -0.26 -13.05 -3.19
N GLY A 76 -1.10 -13.55 -2.29
CA GLY A 76 -1.94 -14.71 -2.57
C GLY A 76 -1.14 -15.96 -2.88
N ARG A 77 -1.72 -16.83 -3.71
CA ARG A 77 -1.03 -18.01 -4.23
C ARG A 77 -0.49 -18.93 -3.13
N GLY A 78 -1.19 -18.98 -2.00
CA GLY A 78 -0.82 -19.86 -0.89
C GLY A 78 0.35 -19.37 -0.05
N SER A 79 0.85 -18.17 -0.35
CA SER A 79 1.93 -17.57 0.43
C SER A 79 1.53 -17.33 1.87
N ASN A 80 2.54 -17.25 2.74
CA ASN A 80 2.32 -16.74 4.09
C ASN A 80 2.35 -15.22 4.04
N ASN A 81 1.19 -14.61 4.24
CA ASN A 81 1.04 -13.16 4.16
C ASN A 81 -0.09 -12.74 5.09
N PRO A 82 0.13 -12.89 6.40
CA PRO A 82 -0.96 -12.85 7.38
C PRO A 82 -1.33 -11.45 7.89
N ILE A 83 -1.31 -10.45 7.00
CA ILE A 83 -1.83 -9.13 7.34
C ILE A 83 -3.30 -9.30 7.71
N LYS A 84 -3.71 -8.70 8.82
CA LYS A 84 -5.11 -8.76 9.27
C LYS A 84 -5.87 -7.44 9.09
N VAL A 85 -5.17 -6.33 9.33
CA VAL A 85 -5.79 -5.00 9.39
C VAL A 85 -4.90 -3.99 8.68
N VAL A 86 -5.50 -3.21 7.79
CA VAL A 86 -4.81 -2.10 7.14
C VAL A 86 -5.57 -0.81 7.40
N ARG A 87 -4.84 0.31 7.31
CA ARG A 87 -5.43 1.64 7.43
C ARG A 87 -4.92 2.49 6.28
N PHE A 88 -5.70 3.52 5.92
CA PHE A 88 -5.27 4.49 4.92
C PHE A 88 -5.38 5.90 5.44
N GLU A 89 -4.43 6.73 5.04
CA GLU A 89 -4.48 8.16 5.29
C GLU A 89 -4.32 8.90 3.98
N ALA A 90 -4.79 10.14 3.95
CA ALA A 90 -4.71 10.97 2.75
C ALA A 90 -4.32 12.39 3.11
N SER A 91 -3.67 13.08 2.17
CA SER A 91 -3.21 14.45 2.42
C SER A 91 -3.23 15.28 1.14
N GLU A 92 -3.72 16.51 1.26
CA GLU A 92 -3.69 17.48 0.16
C GLU A 92 -2.29 18.05 -0.03
N ASP A 93 -1.62 18.32 1.09
CA ASP A 93 -0.38 19.10 1.08
C ASP A 93 0.89 18.28 1.37
N GLY A 94 0.71 17.07 1.86
CA GLY A 94 1.83 16.20 2.21
C GLY A 94 2.27 16.27 3.66
N THR A 95 1.67 17.18 4.43
CA THR A 95 2.02 17.42 5.84
C THR A 95 0.85 17.10 6.77
N ASN A 96 -0.34 17.56 6.39
CA ASN A 96 -1.55 17.35 7.18
C ASN A 96 -2.31 16.13 6.68
N TRP A 97 -2.43 15.14 7.55
CA TRP A 97 -2.99 13.84 7.19
C TRP A 97 -4.34 13.59 7.85
N GLU A 98 -5.23 12.94 7.12
CA GLU A 98 -6.52 12.50 7.65
C GLU A 98 -6.66 10.99 7.50
N SER A 99 -7.27 10.35 8.49
CA SER A 99 -7.60 8.94 8.38
C SER A 99 -8.81 8.77 7.46
N ILE A 100 -8.72 7.84 6.52
CA ILE A 100 -9.84 7.58 5.62
C ILE A 100 -10.40 6.16 5.77
N GLY A 101 -9.95 5.46 6.81
CA GLY A 101 -10.58 4.20 7.19
C GLY A 101 -9.64 3.10 7.61
N GLN A 102 -10.18 2.16 8.39
CA GLN A 102 -9.49 0.95 8.78
C GLN A 102 -10.26 -0.23 8.24
N PHE A 103 -9.54 -1.22 7.71
CA PHE A 103 -10.16 -2.32 6.98
C PHE A 103 -9.48 -3.65 7.27
N GLY A 104 -10.17 -4.74 6.92
CA GLY A 104 -9.60 -6.07 7.01
C GLY A 104 -8.78 -6.42 5.78
N PHE A 105 -7.89 -7.40 5.95
CA PHE A 105 -7.09 -7.91 4.85
C PHE A 105 -7.18 -9.43 4.93
N THR A 106 -7.24 -10.06 3.76
CA THR A 106 -7.05 -11.50 3.67
C THR A 106 -6.20 -11.80 2.45
N ASN A 107 -5.39 -12.85 2.54
CA ASN A 107 -4.42 -13.18 1.49
C ASN A 107 -5.02 -13.91 0.26
N GLN A 108 -6.12 -13.40 -0.23
CA GLN A 108 -6.78 -13.95 -1.40
C GLN A 108 -6.06 -13.53 -2.69
N ASP A 109 -6.45 -14.11 -3.81
CA ASP A 109 -5.86 -13.78 -5.10
C ASP A 109 -6.46 -12.54 -5.74
N ALA A 110 -7.75 -12.33 -5.56
CA ALA A 110 -8.42 -11.14 -6.12
C ALA A 110 -8.13 -9.90 -5.29
N ALA A 111 -8.22 -8.74 -5.93
CA ALA A 111 -8.05 -7.47 -5.23
C ALA A 111 -9.07 -7.30 -4.10
N LEU A 112 -8.60 -6.68 -3.02
CA LEU A 112 -9.44 -6.24 -1.92
C LEU A 112 -9.85 -4.80 -2.21
N LYS A 113 -11.14 -4.51 -2.10
CA LYS A 113 -11.70 -3.22 -2.47
C LYS A 113 -12.16 -2.49 -1.22
N TYR A 114 -11.60 -1.30 -1.00
CA TYR A 114 -11.83 -0.57 0.24
C TYR A 114 -12.57 0.72 0.00
N TYR A 115 -13.78 0.80 0.58
CA TYR A 115 -14.63 1.96 0.43
C TYR A 115 -14.26 2.99 1.49
N VAL A 116 -13.25 3.78 1.15
CA VAL A 116 -12.67 4.76 2.05
C VAL A 116 -13.61 5.96 2.24
N LYS A 117 -13.37 6.71 3.32
CA LYS A 117 -14.01 8.02 3.50
C LYS A 117 -13.71 8.86 2.26
N SER A 118 -14.75 9.46 1.68
CA SER A 118 -14.58 10.36 0.55
C SER A 118 -13.57 11.45 0.93
N SER A 119 -12.55 11.62 0.10
CA SER A 119 -11.45 12.50 0.41
C SER A 119 -10.77 12.95 -0.87
N THR A 120 -10.17 14.13 -0.82
CA THR A 120 -9.41 14.67 -1.95
C THR A 120 -7.97 14.85 -1.50
N ALA A 121 -7.03 14.37 -2.32
CA ALA A 121 -5.65 14.28 -1.89
C ALA A 121 -4.69 14.17 -3.07
N ARG A 122 -3.45 14.61 -2.84
CA ARG A 122 -2.34 14.31 -3.73
C ARG A 122 -1.52 13.12 -3.22
N TYR A 123 -1.51 12.92 -1.91
CA TYR A 123 -0.71 11.89 -1.27
C TYR A 123 -1.61 10.90 -0.55
N ILE A 124 -1.23 9.63 -0.62
CA ILE A 124 -1.90 8.59 0.14
C ILE A 124 -0.88 7.79 0.93
N LYS A 125 -1.35 7.20 2.02
CA LYS A 125 -0.49 6.44 2.92
C LYS A 125 -1.18 5.15 3.29
N LEU A 126 -0.49 4.04 3.02
CA LEU A 126 -0.87 2.73 3.51
C LEU A 126 -0.21 2.53 4.87
N VAL A 127 -1.00 2.11 5.86
CA VAL A 127 -0.50 1.83 7.20
C VAL A 127 -0.87 0.41 7.60
N ILE A 128 0.12 -0.33 8.08
CA ILE A 128 -0.07 -1.65 8.69
C ILE A 128 0.20 -1.46 10.18
N PRO A 129 -0.87 -1.27 10.97
CA PRO A 129 -0.67 -0.89 12.37
C PRO A 129 -0.14 -1.99 13.29
N ASP A 130 0.44 -1.57 14.40
CA ASP A 130 0.80 -2.45 15.51
C ASP A 130 -0.44 -2.70 16.36
N GLY A 131 -0.35 -3.68 17.27
CA GLY A 131 -1.37 -3.92 18.29
C GLY A 131 -2.66 -4.58 17.83
N VAL A 132 -2.69 -5.06 16.58
CA VAL A 132 -3.91 -5.67 16.03
C VAL A 132 -3.64 -7.05 15.41
N GLY A 133 -2.51 -7.65 15.78
CA GLY A 133 -2.21 -9.01 15.36
C GLY A 133 -1.63 -9.14 13.96
N ASN A 134 -1.27 -8.02 13.33
CA ASN A 134 -0.46 -8.08 12.13
C ASN A 134 0.89 -8.60 12.62
N GLY A 135 1.69 -9.11 11.72
CA GLY A 135 3.02 -9.55 12.10
C GLY A 135 4.01 -8.77 11.26
N THR A 136 5.22 -9.31 11.15
CA THR A 136 6.27 -8.64 10.40
C THR A 136 6.38 -9.13 8.96
N VAL A 137 5.46 -10.01 8.55
CA VAL A 137 5.41 -10.54 7.19
C VAL A 137 4.25 -9.89 6.44
N ALA A 138 4.55 -9.12 5.40
CA ALA A 138 3.55 -8.39 4.63
C ALA A 138 4.00 -8.28 3.19
N ALA A 139 3.09 -8.52 2.26
CA ALA A 139 3.41 -8.51 0.82
C ALA A 139 2.20 -8.14 -0.01
N ILE A 140 2.36 -7.11 -0.83
CA ILE A 140 1.26 -6.58 -1.63
C ILE A 140 1.76 -6.28 -3.03
N ARG A 141 1.07 -6.85 -4.03
CA ARG A 141 1.45 -6.70 -5.44
C ARG A 141 1.14 -5.32 -6.00
N GLU A 142 0.01 -4.75 -5.60
CA GLU A 142 -0.43 -3.47 -6.15
C GLU A 142 -1.33 -2.73 -5.18
N LEU A 143 -1.16 -1.41 -5.17
CA LEU A 143 -2.15 -0.51 -4.59
C LEU A 143 -2.72 0.28 -5.75
N ASP A 144 -4.06 0.34 -5.81
CA ASP A 144 -4.75 1.11 -6.84
C ASP A 144 -5.75 2.07 -6.22
N VAL A 145 -6.07 3.12 -6.98
CA VAL A 145 -7.07 4.10 -6.57
C VAL A 145 -8.12 4.23 -7.65
N ARG A 146 -9.39 4.18 -7.23
CA ARG A 146 -10.49 4.58 -8.09
C ARG A 146 -11.00 5.93 -7.62
N GLY A 147 -11.14 6.85 -8.56
CA GLY A 147 -11.60 8.19 -8.25
C GLY A 147 -11.46 9.07 -9.47
N THR A 148 -11.45 10.37 -9.25
CA THR A 148 -11.39 11.34 -10.33
C THR A 148 -10.29 12.35 -10.09
N VAL A 149 -9.44 12.56 -11.09
CA VAL A 149 -8.42 13.60 -11.02
C VAL A 149 -9.12 14.97 -11.05
N VAL A 150 -8.69 15.86 -10.17
CA VAL A 150 -9.20 17.22 -10.12
C VAL A 150 -8.40 18.06 -11.11
N ASN A 151 -9.08 18.75 -12.01
CA ASN A 151 -8.37 19.66 -12.92
C ASN A 151 -8.26 21.10 -12.41
#